data_8D9M
#
_entry.id   8D9M
#
loop_
_entity.id
_entity.type
_entity.pdbx_description
1 polymer 'Cytochrome c'
2 non-polymer 'HEME C'
#
_entity_poly.entity_id   1
_entity_poly.type   'polypeptide(L)'
_entity_poly.pdbx_seq_one_letter_code
;MKKKVLIGASLAAVVLTGAAMVGAAVPPPPVNQFLGIYDTKFPNLTKADCLECHVSDTVLVQQHHALINTVTPPASCINT
SGTVPPTLATGCHVMVPDGSGGFTFQDFRNCFNCHTQTPHHTSPAAVAKDCKYCHGNFIDNPLDGHYIPTYSASSVTPMP
SGRSVTATDGNVVIVQGCEACHQAAPNAIDPKTNTVRPIFSNQDTHHGTGITDCNLCHNTSSNVPIRQCEVCHGVNSLHN
IQKDSPNAANLGTVKPGLEDLGWGHIGNNWDCQGCHWSWFGNSSPYTNATVPAINGQSSYTVTAGKEAVLTIVGSSFVNV
GPDGVTTYQPTVALVSGSTSLTLTPFSVTESEIKVSVPALVEGVYELRITKANKVSNLAKLTVAPARIIASATLATGKTL
TITGTGFGPAPSSEYDAGIGVYAGTTQANVISWSDTKVVATSPDFATNGYVTVKTINGPLSGKILAAPKKVKR
;
_entity_poly.pdbx_strand_id   A
#
loop_
_chem_comp.id
_chem_comp.type
_chem_comp.name
_chem_comp.formula
HEC non-polymer 'HEME C' 'C34 H34 Fe N4 O4'
#
# COMPACT_ATOMS: atom_id res chain seq x y z
N PRO A 27 15.99 -14.97 1.20
CA PRO A 27 17.08 -14.20 1.79
C PRO A 27 16.64 -13.43 3.02
N PRO A 28 17.56 -13.02 3.88
CA PRO A 28 17.22 -12.08 4.94
C PRO A 28 16.76 -10.78 4.32
N PRO A 29 15.48 -10.45 4.44
CA PRO A 29 14.87 -9.53 3.51
C PRO A 29 14.97 -8.09 3.95
N PRO A 30 15.35 -7.20 3.03
CA PRO A 30 14.85 -5.82 3.09
C PRO A 30 13.41 -5.80 2.66
N VAL A 31 12.84 -4.64 2.39
CA VAL A 31 11.44 -4.61 1.97
C VAL A 31 11.35 -5.30 0.61
N ASN A 32 10.77 -6.50 0.61
CA ASN A 32 10.61 -7.30 -0.60
C ASN A 32 9.14 -7.59 -0.81
N GLN A 33 8.67 -7.42 -2.04
CA GLN A 33 7.29 -7.72 -2.37
C GLN A 33 7.12 -7.80 -3.88
N PHE A 34 6.54 -8.89 -4.35
CA PHE A 34 5.97 -8.94 -5.69
C PHE A 34 4.51 -9.33 -5.66
N LEU A 35 3.93 -9.52 -4.48
CA LEU A 35 2.49 -9.64 -4.30
C LEU A 35 1.97 -8.41 -3.59
N GLY A 36 0.66 -8.33 -3.45
CA GLY A 36 0.06 -7.19 -2.78
C GLY A 36 -0.49 -6.15 -3.74
N ILE A 37 -0.34 -4.88 -3.38
CA ILE A 37 -1.03 -3.80 -4.11
C ILE A 37 -0.05 -2.72 -4.55
N TYR A 38 1.19 -3.11 -4.86
CA TYR A 38 2.21 -2.19 -5.35
C TYR A 38 2.50 -1.11 -4.29
N ASP A 39 3.07 -1.59 -3.19
CA ASP A 39 3.05 -0.89 -1.91
C ASP A 39 3.69 0.50 -1.94
N THR A 40 4.32 0.90 -3.05
CA THR A 40 4.92 2.23 -3.09
C THR A 40 3.86 3.32 -3.19
N LYS A 41 4.29 4.58 -3.18
CA LYS A 41 3.36 5.70 -3.23
C LYS A 41 2.76 5.86 -4.63
N PHE A 42 1.95 6.91 -4.78
CA PHE A 42 1.34 7.20 -6.09
C PHE A 42 2.30 7.87 -7.05
N PRO A 43 2.92 9.02 -6.72
CA PRO A 43 3.59 9.81 -7.78
C PRO A 43 4.70 9.06 -8.50
N ASN A 44 5.24 7.99 -7.94
CA ASN A 44 6.27 7.20 -8.60
C ASN A 44 5.67 6.10 -9.48
N LEU A 45 4.42 6.23 -9.88
CA LEU A 45 3.79 5.35 -10.85
C LEU A 45 3.91 5.96 -12.25
N THR A 46 3.61 5.15 -13.25
CA THR A 46 3.62 5.58 -14.63
C THR A 46 2.49 4.88 -15.39
N LYS A 47 2.30 5.30 -16.64
CA LYS A 47 1.23 4.75 -17.46
C LYS A 47 1.41 3.25 -17.64
N ALA A 48 2.62 2.81 -17.99
CA ALA A 48 2.87 1.39 -18.18
C ALA A 48 2.70 0.62 -16.88
N ASP A 49 3.20 1.15 -15.76
CA ASP A 49 2.99 0.50 -14.47
C ASP A 49 1.56 0.60 -13.99
N CYS A 50 0.77 1.53 -14.55
CA CYS A 50 -0.63 1.64 -14.17
C CYS A 50 -1.36 0.42 -14.72
N LEU A 51 -1.84 -0.44 -13.82
CA LEU A 51 -2.21 -1.79 -14.19
C LEU A 51 -3.49 -1.83 -15.01
N GLU A 52 -3.77 -3.01 -15.56
CA GLU A 52 -4.89 -3.20 -16.47
C GLU A 52 -6.25 -3.16 -15.77
N CYS A 53 -6.29 -3.14 -14.43
CA CYS A 53 -7.58 -3.13 -13.77
C CYS A 53 -8.33 -1.82 -13.97
N HIS A 54 -7.69 -0.82 -14.57
CA HIS A 54 -8.40 0.26 -15.26
C HIS A 54 -7.98 0.40 -16.72
N VAL A 55 -6.74 0.04 -17.05
CA VAL A 55 -6.16 0.40 -18.34
C VAL A 55 -6.88 -0.31 -19.47
N SER A 56 -7.27 0.45 -20.48
CA SER A 56 -7.84 -0.02 -21.74
C SER A 56 -8.00 1.21 -22.62
N ASP A 57 -8.38 0.99 -23.88
CA ASP A 57 -8.58 2.11 -24.79
C ASP A 57 -10.03 2.57 -24.80
N THR A 58 -10.95 1.66 -25.10
CA THR A 58 -12.36 2.04 -25.15
C THR A 58 -12.93 2.22 -23.75
N VAL A 59 -12.44 1.44 -22.79
CA VAL A 59 -13.02 1.47 -21.44
C VAL A 59 -12.85 2.86 -20.83
N LEU A 60 -11.65 3.43 -20.96
CA LEU A 60 -11.41 4.75 -20.37
C LEU A 60 -12.32 5.80 -20.96
N VAL A 61 -12.40 5.87 -22.30
CA VAL A 61 -13.21 6.92 -22.93
C VAL A 61 -14.68 6.72 -22.58
N GLN A 62 -15.16 5.48 -22.61
CA GLN A 62 -16.53 5.22 -22.21
C GLN A 62 -16.80 5.69 -20.79
N GLN A 63 -15.96 5.30 -19.83
CA GLN A 63 -16.27 5.58 -18.45
C GLN A 63 -16.15 7.07 -18.14
N HIS A 64 -15.15 7.74 -18.71
CA HIS A 64 -15.04 9.18 -18.46
C HIS A 64 -16.19 9.95 -19.11
N HIS A 65 -16.46 9.71 -20.40
CA HIS A 65 -17.51 10.50 -21.06
C HIS A 65 -18.91 10.07 -20.65
N ALA A 66 -19.07 8.94 -19.98
CA ALA A 66 -20.38 8.59 -19.47
C ALA A 66 -20.74 9.36 -18.22
N LEU A 67 -19.76 9.99 -17.57
CA LEU A 67 -20.03 10.66 -16.31
C LEU A 67 -20.84 11.93 -16.51
N ILE A 68 -20.65 12.61 -17.66
CA ILE A 68 -21.32 13.87 -17.91
C ILE A 68 -22.84 13.73 -17.91
N ASN A 69 -23.35 12.52 -18.14
CA ASN A 69 -24.80 12.31 -18.16
C ASN A 69 -25.44 12.70 -16.83
N THR A 70 -24.73 12.57 -15.72
CA THR A 70 -25.27 12.89 -14.41
C THR A 70 -25.07 14.34 -14.02
N VAL A 71 -24.21 15.08 -14.72
CA VAL A 71 -23.96 16.48 -14.40
C VAL A 71 -25.10 17.32 -14.96
N THR A 72 -25.64 18.22 -14.15
CA THR A 72 -26.78 19.03 -14.54
C THR A 72 -26.40 20.50 -14.56
N PRO A 73 -26.18 21.12 -15.72
CA PRO A 73 -26.16 20.53 -17.08
C PRO A 73 -24.86 19.81 -17.37
N PRO A 74 -24.83 18.91 -18.36
CA PRO A 74 -23.61 18.19 -18.68
C PRO A 74 -22.58 19.04 -19.39
N ALA A 75 -22.74 20.35 -19.36
CA ALA A 75 -22.02 21.24 -20.27
C ALA A 75 -20.52 21.18 -20.06
N SER A 76 -20.06 21.20 -18.82
CA SER A 76 -18.69 21.58 -18.49
C SER A 76 -17.71 20.59 -19.09
N CYS A 77 -17.04 21.01 -20.17
CA CYS A 77 -15.91 20.28 -20.71
C CYS A 77 -14.82 21.24 -21.17
N ILE A 78 -14.75 22.40 -20.54
CA ILE A 78 -13.71 23.39 -20.81
C ILE A 78 -13.00 23.73 -19.51
N ASN A 79 -11.69 23.51 -19.47
CA ASN A 79 -10.91 23.73 -18.25
C ASN A 79 -10.43 25.17 -18.21
N THR A 80 -11.00 25.95 -17.29
CA THR A 80 -10.56 27.31 -17.03
C THR A 80 -9.86 27.46 -15.69
N SER A 81 -9.58 26.36 -15.00
CA SER A 81 -8.96 26.40 -13.68
C SER A 81 -7.46 26.10 -13.73
N GLY A 82 -6.87 26.10 -14.92
CA GLY A 82 -5.43 25.91 -15.02
C GLY A 82 -5.00 24.50 -14.66
N THR A 83 -3.96 24.41 -13.83
CA THR A 83 -3.37 23.14 -13.44
C THR A 83 -4.09 22.49 -12.26
N VAL A 84 -5.14 23.12 -11.74
CA VAL A 84 -5.91 22.50 -10.66
C VAL A 84 -6.50 21.20 -11.16
N PRO A 85 -6.43 20.11 -10.40
CA PRO A 85 -7.00 18.84 -10.85
C PRO A 85 -8.47 19.01 -11.20
N PRO A 86 -8.88 18.50 -12.35
CA PRO A 86 -10.28 18.66 -12.77
C PRO A 86 -11.24 18.00 -11.80
N THR A 87 -12.37 18.67 -11.57
CA THR A 87 -13.43 18.18 -10.69
C THR A 87 -14.76 18.42 -11.38
N LEU A 88 -15.74 17.71 -10.84
CA LEU A 88 -17.09 17.62 -11.36
C LEU A 88 -17.58 18.83 -12.08
N ALA A 89 -17.39 19.97 -11.47
CA ALA A 89 -17.95 21.16 -12.01
C ALA A 89 -16.85 21.87 -12.72
N THR A 90 -15.75 21.18 -13.01
CA THR A 90 -14.71 21.94 -13.67
C THR A 90 -14.35 21.24 -14.98
N GLY A 91 -13.67 21.96 -15.86
CA GLY A 91 -13.35 21.41 -17.15
C GLY A 91 -12.31 20.31 -17.08
N CYS A 92 -12.37 19.41 -18.05
CA CYS A 92 -11.42 18.30 -18.15
C CYS A 92 -10.34 18.55 -19.18
N HIS A 93 -10.73 18.78 -20.44
CA HIS A 93 -9.77 19.02 -21.50
C HIS A 93 -9.39 20.50 -21.51
N VAL A 94 -8.09 20.76 -21.50
CA VAL A 94 -7.57 22.11 -21.35
C VAL A 94 -6.82 22.50 -22.62
N MET A 95 -7.06 23.73 -23.08
CA MET A 95 -6.44 24.26 -24.28
C MET A 95 -5.19 25.04 -23.93
N VAL A 96 -4.17 24.94 -24.79
CA VAL A 96 -2.92 25.67 -24.60
C VAL A 96 -2.57 26.38 -25.90
N PRO A 97 -2.24 27.66 -25.86
CA PRO A 97 -1.88 28.36 -27.10
C PRO A 97 -0.54 27.88 -27.64
N ASP A 98 -0.37 28.02 -28.95
CA ASP A 98 0.85 27.60 -29.63
C ASP A 98 1.88 28.72 -29.78
N GLY A 99 1.47 29.97 -29.62
CA GLY A 99 2.35 31.10 -29.80
C GLY A 99 2.32 31.71 -31.19
N SER A 100 1.80 30.99 -32.18
CA SER A 100 1.67 31.50 -33.53
C SER A 100 0.29 32.07 -33.83
N GLY A 101 -0.56 32.19 -32.82
CA GLY A 101 -1.92 32.66 -32.98
C GLY A 101 -2.97 31.57 -32.99
N GLY A 102 -2.57 30.31 -33.17
CA GLY A 102 -3.48 29.20 -33.10
C GLY A 102 -3.48 28.53 -31.74
N PHE A 103 -4.18 27.41 -31.65
CA PHE A 103 -4.27 26.65 -30.41
C PHE A 103 -4.08 25.17 -30.72
N THR A 104 -3.72 24.43 -29.68
CA THR A 104 -3.63 22.97 -29.74
C THR A 104 -4.18 22.39 -28.45
N PHE A 105 -4.28 21.07 -28.39
CA PHE A 105 -4.81 20.37 -27.23
C PHE A 105 -3.67 19.91 -26.35
N GLN A 106 -3.80 20.17 -25.05
CA GLN A 106 -2.86 19.60 -24.08
C GLN A 106 -3.01 18.09 -24.05
N ASP A 107 -1.89 17.40 -23.82
CA ASP A 107 -1.88 15.95 -23.86
C ASP A 107 -2.86 15.36 -22.85
N PHE A 108 -3.91 14.74 -23.35
CA PHE A 108 -4.94 14.14 -22.51
C PHE A 108 -4.79 12.64 -22.38
N ARG A 109 -3.66 12.09 -22.80
CA ARG A 109 -3.40 10.66 -22.65
C ARG A 109 -2.44 10.33 -21.54
N ASN A 110 -1.54 11.23 -21.16
CA ASN A 110 -0.68 11.05 -20.00
C ASN A 110 -1.48 11.25 -18.72
N CYS A 111 -2.10 10.16 -18.25
CA CYS A 111 -3.21 10.24 -17.31
C CYS A 111 -2.80 10.69 -15.91
N PHE A 112 -1.57 11.15 -15.73
CA PHE A 112 -1.18 11.77 -14.47
C PHE A 112 -1.28 13.29 -14.51
N ASN A 113 -1.63 13.89 -15.64
CA ASN A 113 -1.74 15.34 -15.70
C ASN A 113 -2.95 15.87 -14.95
N CYS A 114 -3.93 15.02 -14.66
CA CYS A 114 -5.14 15.45 -13.95
C CYS A 114 -5.28 14.78 -12.59
N HIS A 115 -4.96 13.49 -12.49
CA HIS A 115 -5.01 12.78 -11.21
C HIS A 115 -3.63 12.85 -10.58
N THR A 116 -3.27 14.04 -10.09
CA THR A 116 -1.96 14.24 -9.49
C THR A 116 -1.84 13.62 -8.11
N GLN A 117 -2.89 13.71 -7.30
CA GLN A 117 -2.88 13.21 -5.93
C GLN A 117 -3.77 11.98 -5.89
N THR A 118 -3.44 11.04 -4.97
CA THR A 118 -4.10 9.74 -4.98
C THR A 118 -5.62 9.88 -4.86
N PRO A 119 -6.36 9.48 -5.89
CA PRO A 119 -7.82 9.59 -5.86
C PRO A 119 -8.53 8.35 -5.34
N HIS A 120 -7.83 7.22 -5.26
CA HIS A 120 -8.48 5.99 -4.83
C HIS A 120 -8.90 6.03 -3.36
N HIS A 121 -8.35 6.96 -2.58
CA HIS A 121 -8.60 6.99 -1.15
C HIS A 121 -9.58 8.09 -0.74
N THR A 122 -10.13 8.83 -1.71
CA THR A 122 -11.25 9.71 -1.44
C THR A 122 -12.55 9.13 -1.98
N SER A 123 -12.55 7.86 -2.37
CA SER A 123 -13.71 7.23 -2.95
C SER A 123 -14.82 7.06 -1.90
N PRO A 124 -16.07 6.91 -2.34
CA PRO A 124 -17.15 6.67 -1.38
C PRO A 124 -16.93 5.46 -0.50
N ALA A 125 -16.27 4.43 -1.02
CA ALA A 125 -15.92 3.29 -0.18
C ALA A 125 -14.95 3.69 0.92
N ALA A 126 -14.00 4.58 0.60
CA ALA A 126 -13.01 5.00 1.58
C ALA A 126 -13.64 5.82 2.69
N VAL A 127 -14.50 6.78 2.34
CA VAL A 127 -15.07 7.66 3.36
C VAL A 127 -15.96 6.88 4.30
N ALA A 128 -16.64 5.87 3.79
CA ALA A 128 -17.42 4.95 4.62
C ALA A 128 -16.56 3.85 5.23
N LYS A 129 -15.23 4.04 5.22
CA LYS A 129 -14.25 3.07 5.73
C LYS A 129 -14.61 1.63 5.36
N ASP A 130 -15.13 1.44 4.15
CA ASP A 130 -15.40 0.10 3.64
C ASP A 130 -14.22 -0.41 2.81
N CYS A 131 -13.03 -0.35 3.38
CA CYS A 131 -11.83 -0.86 2.71
C CYS A 131 -11.84 -2.39 2.81
N LYS A 132 -10.82 -3.02 2.21
CA LYS A 132 -10.79 -4.38 1.70
C LYS A 132 -11.56 -4.46 0.39
N TYR A 133 -12.28 -3.41 0.00
CA TYR A 133 -13.12 -3.48 -1.19
C TYR A 133 -12.28 -3.62 -2.45
N CYS A 134 -11.16 -2.90 -2.53
CA CYS A 134 -10.49 -2.78 -3.82
C CYS A 134 -8.98 -2.97 -3.77
N HIS A 135 -8.37 -3.18 -2.61
CA HIS A 135 -6.98 -3.59 -2.59
C HIS A 135 -6.79 -4.77 -1.63
N GLY A 136 -7.62 -5.78 -1.80
CA GLY A 136 -7.31 -7.12 -1.33
C GLY A 136 -7.99 -7.47 -0.03
N ASN A 137 -8.05 -8.78 0.22
CA ASN A 137 -8.52 -9.33 1.49
C ASN A 137 -7.38 -9.53 2.47
N PHE A 138 -6.17 -9.09 2.12
CA PHE A 138 -5.03 -9.23 3.03
C PHE A 138 -5.23 -8.41 4.30
N ILE A 139 -6.07 -7.39 4.24
CA ILE A 139 -6.38 -6.54 5.39
C ILE A 139 -7.84 -6.76 5.74
N ASP A 140 -8.15 -6.71 7.04
CA ASP A 140 -9.53 -6.86 7.46
C ASP A 140 -10.28 -5.53 7.35
N ASN A 141 -11.58 -5.64 7.15
CA ASN A 141 -12.46 -4.48 7.13
C ASN A 141 -12.64 -3.93 8.54
N PRO A 142 -12.38 -2.64 8.75
CA PRO A 142 -12.65 -2.05 10.06
C PRO A 142 -14.13 -2.19 10.41
N LEU A 143 -14.39 -2.51 11.68
CA LEU A 143 -15.73 -2.70 12.21
C LEU A 143 -16.49 -3.82 11.52
N ASP A 144 -15.81 -4.88 11.08
CA ASP A 144 -16.50 -6.06 10.58
C ASP A 144 -16.75 -7.09 11.67
N GLY A 145 -16.19 -6.90 12.86
CA GLY A 145 -16.34 -7.85 13.93
C GLY A 145 -15.23 -8.87 14.06
N HIS A 146 -14.10 -8.66 13.39
CA HIS A 146 -13.01 -9.61 13.48
C HIS A 146 -12.42 -9.65 14.88
N TYR A 147 -11.97 -10.83 15.30
CA TYR A 147 -11.60 -11.06 16.69
C TYR A 147 -10.38 -10.24 17.07
N ILE A 148 -10.53 -9.42 18.10
CA ILE A 148 -9.45 -8.58 18.63
C ILE A 148 -9.10 -9.08 20.02
N PRO A 149 -7.99 -9.80 20.16
CA PRO A 149 -7.65 -10.42 21.44
C PRO A 149 -7.59 -9.40 22.58
N THR A 150 -7.98 -9.85 23.77
CA THR A 150 -7.91 -9.03 24.98
C THR A 150 -7.13 -9.80 26.06
N TYR A 151 -5.81 -9.63 26.07
CA TYR A 151 -4.99 -10.19 27.13
C TYR A 151 -3.77 -9.30 27.30
N SER A 152 -3.20 -9.35 28.51
CA SER A 152 -2.08 -8.49 28.84
C SER A 152 -0.85 -8.88 28.02
N ALA A 153 -0.08 -7.87 27.63
CA ALA A 153 1.15 -8.12 26.89
C ALA A 153 2.17 -8.82 27.79
N SER A 154 3.09 -9.54 27.15
CA SER A 154 4.10 -10.30 27.88
C SER A 154 5.39 -10.25 27.09
N SER A 155 6.33 -11.13 27.45
CA SER A 155 7.57 -11.26 26.70
C SER A 155 7.32 -11.63 25.25
N VAL A 156 6.16 -12.22 24.96
CA VAL A 156 5.73 -12.42 23.59
C VAL A 156 4.69 -11.38 23.23
N THR A 157 5.15 -10.24 22.72
CA THR A 157 4.27 -9.14 22.32
C THR A 157 4.69 -8.70 20.93
N PRO A 158 3.82 -8.76 19.96
CA PRO A 158 4.22 -8.58 18.55
C PRO A 158 4.50 -7.13 18.18
N MET A 159 5.54 -6.56 18.77
CA MET A 159 6.01 -5.30 18.20
C MET A 159 7.55 -5.24 18.15
N PRO A 160 8.26 -6.31 17.77
CA PRO A 160 9.72 -6.19 17.63
C PRO A 160 10.14 -5.99 16.19
N SER A 161 11.31 -5.37 16.02
CA SER A 161 11.92 -5.27 14.70
C SER A 161 13.34 -5.85 14.66
N GLY A 162 14.21 -5.44 15.58
CA GLY A 162 15.61 -5.74 15.42
C GLY A 162 16.24 -4.82 14.38
N ARG A 163 17.51 -4.48 14.56
CA ARG A 163 18.16 -3.51 13.67
C ARG A 163 19.64 -3.85 13.56
N SER A 164 20.43 -2.86 13.15
CA SER A 164 21.84 -3.06 12.86
C SER A 164 22.59 -3.58 14.08
N VAL A 165 23.72 -4.23 13.81
CA VAL A 165 24.46 -4.96 14.83
C VAL A 165 25.73 -4.23 15.25
N THR A 166 25.74 -2.90 15.18
CA THR A 166 26.91 -2.11 15.55
C THR A 166 27.28 -2.33 17.02
N ALA A 167 28.45 -2.91 17.25
CA ALA A 167 29.09 -3.13 18.55
C ALA A 167 28.37 -4.15 19.43
N THR A 168 27.21 -4.66 19.01
CA THR A 168 26.43 -5.63 19.76
C THR A 168 25.26 -6.06 18.88
N ASP A 169 24.62 -7.16 19.26
CA ASP A 169 23.45 -7.62 18.53
C ASP A 169 22.38 -6.55 18.53
N GLY A 170 21.71 -6.39 17.38
CA GLY A 170 20.80 -5.28 17.19
C GLY A 170 19.48 -5.40 17.94
N ASN A 171 19.55 -5.75 19.22
CA ASN A 171 18.37 -5.80 20.07
C ASN A 171 18.06 -4.42 20.63
N VAL A 172 17.92 -3.46 19.72
CA VAL A 172 17.76 -2.06 20.09
C VAL A 172 16.31 -1.61 19.97
N VAL A 173 15.65 -1.99 18.87
CA VAL A 173 14.25 -1.59 18.66
C VAL A 173 13.38 -2.72 19.21
N ILE A 174 13.14 -2.65 20.52
CA ILE A 174 12.27 -3.64 21.16
C ILE A 174 10.82 -3.42 20.73
N VAL A 175 10.39 -2.16 20.67
CA VAL A 175 9.03 -1.79 20.28
C VAL A 175 9.12 -0.90 19.05
N GLN A 176 8.58 -1.37 17.93
CA GLN A 176 8.63 -0.59 16.70
C GLN A 176 7.59 -1.15 15.75
N GLY A 177 7.16 -0.30 14.81
CA GLY A 177 6.10 -0.66 13.88
C GLY A 177 6.47 -1.66 12.80
N CYS A 178 6.79 -2.89 13.21
CA CYS A 178 6.86 -4.06 12.32
C CYS A 178 7.96 -3.95 11.28
N GLU A 179 8.90 -3.03 11.43
CA GLU A 179 9.92 -2.88 10.38
C GLU A 179 11.14 -3.76 10.63
N ALA A 180 10.89 -5.05 10.88
CA ALA A 180 11.93 -6.04 10.82
C ALA A 180 12.27 -6.41 9.38
N CYS A 181 11.26 -6.43 8.52
CA CYS A 181 11.44 -6.72 7.10
C CYS A 181 10.78 -5.70 6.18
N HIS A 182 9.99 -4.76 6.70
CA HIS A 182 9.36 -3.72 5.91
C HIS A 182 9.88 -2.33 6.25
N GLN A 183 11.19 -2.20 6.50
CA GLN A 183 11.71 -0.93 7.01
C GLN A 183 11.68 0.16 5.95
N ALA A 184 12.48 0.01 4.89
CA ALA A 184 12.58 0.99 3.81
C ALA A 184 13.53 0.43 2.77
N ALA A 185 13.45 0.99 1.56
CA ALA A 185 14.36 0.64 0.48
C ALA A 185 14.46 1.81 -0.50
N PRO A 186 15.61 2.47 -0.58
CA PRO A 186 15.71 3.63 -1.47
C PRO A 186 15.71 3.26 -2.94
N ASN A 187 16.07 2.02 -3.27
CA ASN A 187 16.14 1.59 -4.67
C ASN A 187 15.81 0.09 -4.75
N ALA A 188 14.69 -0.21 -5.40
CA ALA A 188 14.24 -1.58 -5.59
C ALA A 188 13.96 -1.83 -7.06
N ILE A 189 14.24 -3.04 -7.52
CA ILE A 189 14.00 -3.45 -8.90
C ILE A 189 12.81 -4.39 -8.90
N ASP A 190 11.74 -3.99 -9.59
CA ASP A 190 10.55 -4.81 -9.68
C ASP A 190 10.75 -5.88 -10.73
N PRO A 191 10.70 -7.17 -10.39
CA PRO A 191 10.84 -8.21 -11.41
C PRO A 191 9.73 -8.16 -12.45
N LYS A 192 8.57 -7.58 -12.12
CA LYS A 192 7.50 -7.46 -13.10
C LYS A 192 7.83 -6.46 -14.20
N THR A 193 8.70 -5.48 -13.92
CA THR A 193 9.03 -4.45 -14.89
C THR A 193 10.53 -4.23 -15.08
N ASN A 194 11.38 -4.75 -14.20
CA ASN A 194 12.83 -4.56 -14.28
C ASN A 194 13.19 -3.08 -14.29
N THR A 195 12.45 -2.30 -13.50
CA THR A 195 12.69 -0.87 -13.35
C THR A 195 12.96 -0.56 -11.89
N VAL A 196 13.37 0.69 -11.64
CA VAL A 196 13.69 1.15 -10.29
C VAL A 196 12.40 1.63 -9.63
N ARG A 197 12.17 1.18 -8.39
CA ARG A 197 10.96 1.52 -7.67
C ARG A 197 11.33 1.99 -6.27
N PRO A 198 11.03 3.24 -5.91
CA PRO A 198 11.28 3.69 -4.54
C PRO A 198 10.29 3.05 -3.58
N ILE A 199 10.83 2.53 -2.48
CA ILE A 199 10.02 1.91 -1.42
C ILE A 199 10.06 2.83 -0.21
N PHE A 200 8.89 3.28 0.22
CA PHE A 200 8.80 4.22 1.33
C PHE A 200 8.58 3.47 2.63
N SER A 201 8.97 4.12 3.74
CA SER A 201 8.79 3.53 5.05
C SER A 201 7.33 3.57 5.47
N ASN A 202 7.04 2.90 6.58
CA ASN A 202 5.65 2.80 7.05
C ASN A 202 5.08 4.18 7.36
N GLN A 203 5.85 5.02 8.03
CA GLN A 203 5.44 6.40 8.25
C GLN A 203 5.12 7.09 6.94
N ASP A 204 5.84 6.76 5.89
CA ASP A 204 5.58 7.38 4.59
C ASP A 204 4.45 6.69 3.85
N THR A 205 4.17 5.42 4.16
CA THR A 205 3.17 4.68 3.39
C THR A 205 1.78 4.84 3.98
N HIS A 206 1.58 4.41 5.23
CA HIS A 206 0.25 4.52 5.82
C HIS A 206 -0.20 5.98 5.91
N HIS A 207 0.66 6.83 6.48
CA HIS A 207 0.43 8.27 6.33
C HIS A 207 0.71 8.67 4.88
N GLY A 208 0.21 9.84 4.50
CA GLY A 208 0.32 10.27 3.13
C GLY A 208 -0.73 9.70 2.20
N THR A 209 -1.61 8.85 2.70
CA THR A 209 -2.75 8.40 1.91
C THR A 209 -3.90 9.39 1.92
N GLY A 210 -3.78 10.47 2.71
CA GLY A 210 -4.80 11.50 2.76
C GLY A 210 -5.87 11.29 3.80
N ILE A 211 -5.84 10.19 4.54
CA ILE A 211 -6.86 9.92 5.54
C ILE A 211 -6.55 10.75 6.78
N THR A 212 -7.43 11.70 7.10
CA THR A 212 -7.22 12.60 8.22
C THR A 212 -7.99 12.16 9.46
N ASP A 213 -8.75 11.06 9.38
CA ASP A 213 -9.47 10.54 10.53
C ASP A 213 -8.45 9.82 11.42
N CYS A 214 -7.56 10.61 12.01
CA CYS A 214 -6.42 10.08 12.73
C CYS A 214 -6.81 9.49 14.08
N ASN A 215 -8.10 9.35 14.35
CA ASN A 215 -8.59 8.55 15.46
C ASN A 215 -8.81 7.10 15.04
N LEU A 216 -8.77 6.82 13.73
CA LEU A 216 -9.04 5.47 13.23
C LEU A 216 -7.81 4.58 13.28
N CYS A 217 -6.74 4.98 12.58
CA CYS A 217 -5.51 4.20 12.66
C CYS A 217 -4.81 4.35 13.99
N HIS A 218 -5.15 5.37 14.78
CA HIS A 218 -4.48 5.63 16.05
C HIS A 218 -5.49 5.73 17.17
N ASN A 219 -5.22 5.02 18.25
CA ASN A 219 -6.00 5.08 19.50
C ASN A 219 -4.99 5.06 20.64
N THR A 220 -4.59 6.25 21.10
CA THR A 220 -3.51 6.36 22.06
C THR A 220 -4.00 6.04 23.47
N SER A 221 -3.03 5.68 24.32
CA SER A 221 -3.24 5.50 25.75
C SER A 221 -4.33 4.46 26.07
N SER A 222 -4.35 3.39 25.27
CA SER A 222 -5.24 2.27 25.57
C SER A 222 -4.46 1.01 25.90
N ASN A 223 -3.57 0.56 25.03
CA ASN A 223 -2.80 -0.67 25.24
C ASN A 223 -1.48 -0.53 24.51
N VAL A 224 -0.80 -1.65 24.30
CA VAL A 224 0.46 -1.68 23.56
C VAL A 224 0.19 -1.27 22.12
N PRO A 225 1.18 -0.69 21.42
CA PRO A 225 0.89 -0.11 20.10
C PRO A 225 0.39 -1.10 19.07
N ILE A 226 0.77 -2.38 19.17
CA ILE A 226 0.31 -3.34 18.17
C ILE A 226 -1.20 -3.48 18.21
N ARG A 227 -1.80 -3.40 19.40
CA ARG A 227 -3.26 -3.40 19.50
C ARG A 227 -3.84 -2.19 18.80
N GLN A 228 -3.19 -1.03 18.96
CA GLN A 228 -3.58 0.16 18.22
C GLN A 228 -3.56 -0.08 16.72
N CYS A 229 -2.57 -0.84 16.24
CA CYS A 229 -2.49 -1.10 14.81
C CYS A 229 -3.54 -2.11 14.37
N GLU A 230 -3.94 -3.02 15.27
CA GLU A 230 -4.82 -4.12 14.90
C GLU A 230 -6.25 -3.69 14.59
N VAL A 231 -6.54 -2.39 14.55
CA VAL A 231 -7.91 -1.95 14.29
C VAL A 231 -8.41 -2.54 12.98
N CYS A 232 -7.53 -2.69 12.00
CA CYS A 232 -7.85 -3.42 10.78
C CYS A 232 -6.84 -4.51 10.44
N HIS A 233 -5.71 -4.60 11.12
CA HIS A 233 -4.77 -5.71 10.96
C HIS A 233 -5.16 -6.82 11.93
N GLY A 234 -6.09 -7.67 11.49
CA GLY A 234 -6.56 -8.75 12.33
C GLY A 234 -5.70 -10.00 12.24
N VAL A 235 -5.79 -10.83 13.28
CA VAL A 235 -4.92 -12.00 13.37
C VAL A 235 -5.15 -12.95 12.20
N ASN A 236 -6.42 -13.21 11.87
CA ASN A 236 -6.71 -14.06 10.72
C ASN A 236 -6.24 -13.40 9.43
N SER A 237 -6.27 -12.07 9.37
CA SER A 237 -5.79 -11.37 8.19
C SER A 237 -4.28 -11.53 8.02
N LEU A 238 -3.52 -11.33 9.10
CA LEU A 238 -2.07 -11.36 8.98
C LEU A 238 -1.55 -12.78 8.81
N HIS A 239 -2.13 -13.74 9.53
CA HIS A 239 -1.55 -15.08 9.59
C HIS A 239 -1.96 -15.97 8.43
N ASN A 240 -2.43 -15.41 7.32
CA ASN A 240 -2.73 -16.23 6.14
C ASN A 240 -2.30 -15.53 4.86
N ILE A 241 -1.11 -14.94 4.84
CA ILE A 241 -0.58 -14.31 3.64
C ILE A 241 0.77 -14.96 3.33
N GLN A 242 0.90 -15.51 2.13
CA GLN A 242 2.14 -16.19 1.79
C GLN A 242 2.21 -16.42 0.29
N LYS A 243 3.42 -16.66 -0.21
CA LYS A 243 3.67 -17.14 -1.56
C LYS A 243 4.50 -18.41 -1.48
N ASP A 244 4.31 -19.29 -2.45
CA ASP A 244 4.96 -20.59 -2.42
C ASP A 244 6.48 -20.45 -2.38
N SER A 245 7.10 -21.15 -1.44
CA SER A 245 8.54 -21.11 -1.31
C SER A 245 9.20 -21.90 -2.43
N PRO A 246 10.38 -21.47 -2.89
CA PRO A 246 11.12 -22.23 -3.92
C PRO A 246 11.86 -23.42 -3.34
N ASN A 247 11.10 -24.36 -2.78
CA ASN A 247 11.66 -25.59 -2.21
C ASN A 247 10.98 -26.78 -2.87
N ALA A 248 11.78 -27.69 -3.43
CA ALA A 248 11.23 -28.85 -4.11
C ALA A 248 10.62 -29.85 -3.13
N ALA A 249 10.89 -29.71 -1.83
CA ALA A 249 10.34 -30.65 -0.85
C ALA A 249 8.82 -30.58 -0.82
N ASN A 250 8.27 -29.37 -0.87
CA ASN A 250 6.82 -29.17 -0.85
C ASN A 250 6.39 -28.10 -1.84
N LEU A 251 6.96 -28.14 -3.05
CA LEU A 251 6.61 -27.17 -4.07
C LEU A 251 5.14 -27.33 -4.47
N GLY A 252 4.51 -26.19 -4.77
CA GLY A 252 3.11 -26.19 -5.12
C GLY A 252 2.17 -26.27 -3.93
N THR A 253 2.70 -26.29 -2.71
CA THR A 253 1.90 -26.40 -1.50
C THR A 253 2.31 -25.31 -0.52
N VAL A 254 1.34 -24.79 0.22
CA VAL A 254 1.57 -23.73 1.18
C VAL A 254 1.17 -24.26 2.56
N LYS A 255 2.14 -24.41 3.45
CA LYS A 255 1.90 -24.77 4.83
C LYS A 255 3.16 -24.49 5.62
N PRO A 256 3.07 -24.19 6.92
CA PRO A 256 4.28 -23.87 7.68
C PRO A 256 5.19 -25.07 7.89
N GLY A 257 5.64 -25.69 6.80
CA GLY A 257 6.50 -26.84 6.91
C GLY A 257 7.94 -26.49 6.60
N LEU A 258 8.62 -27.34 5.82
CA LEU A 258 9.99 -27.07 5.40
C LEU A 258 9.98 -26.01 4.30
N GLU A 259 9.80 -24.77 4.74
CA GLU A 259 9.69 -23.63 3.86
C GLU A 259 10.92 -22.73 3.97
N ASP A 260 11.37 -22.23 2.83
CA ASP A 260 12.47 -21.28 2.82
C ASP A 260 12.05 -19.99 3.53
N LEU A 261 12.99 -19.41 4.26
CA LEU A 261 12.68 -18.24 5.06
C LEU A 261 12.54 -17.00 4.18
N GLY A 262 11.82 -16.01 4.71
CA GLY A 262 11.77 -14.69 4.12
C GLY A 262 10.83 -14.52 2.94
N TRP A 263 9.99 -15.50 2.65
CA TRP A 263 9.09 -15.42 1.52
C TRP A 263 7.66 -15.05 1.93
N GLY A 264 7.47 -14.63 3.17
CA GLY A 264 6.13 -14.28 3.63
C GLY A 264 6.10 -14.22 5.14
N HIS A 265 4.90 -14.46 5.69
CA HIS A 265 4.69 -14.39 7.13
C HIS A 265 4.59 -15.74 7.79
N ILE A 266 4.42 -16.81 7.01
CA ILE A 266 4.26 -18.16 7.54
C ILE A 266 5.18 -19.09 6.76
N GLY A 267 5.63 -20.15 7.43
CA GLY A 267 6.38 -21.17 6.73
C GLY A 267 7.68 -21.58 7.40
N ASN A 268 8.38 -20.61 7.98
CA ASN A 268 9.63 -20.90 8.67
C ASN A 268 9.63 -20.18 10.00
N ASN A 269 10.50 -20.62 10.90
CA ASN A 269 10.58 -19.99 12.21
C ASN A 269 11.10 -18.56 12.11
N TRP A 270 11.82 -18.24 11.04
CA TRP A 270 12.41 -16.92 10.90
C TRP A 270 11.35 -15.83 10.97
N ASP A 271 10.44 -15.80 9.98
CA ASP A 271 9.44 -14.75 9.97
C ASP A 271 8.50 -14.86 11.15
N CYS A 272 8.33 -16.08 11.67
CA CYS A 272 7.50 -16.26 12.85
C CYS A 272 8.06 -15.48 14.04
N GLN A 273 9.38 -15.58 14.24
CA GLN A 273 10.04 -14.69 15.20
C GLN A 273 9.89 -13.24 14.78
N GLY A 274 9.96 -12.98 13.48
CA GLY A 274 9.95 -11.62 12.98
C GLY A 274 8.92 -10.72 13.65
N CYS A 275 7.86 -11.31 14.17
CA CYS A 275 6.88 -10.57 14.95
C CYS A 275 6.69 -11.12 16.35
N HIS A 276 6.76 -12.44 16.55
CA HIS A 276 6.41 -12.94 17.87
C HIS A 276 7.60 -13.09 18.81
N TRP A 277 8.82 -12.85 18.36
CA TRP A 277 9.97 -13.05 19.25
C TRP A 277 11.15 -12.26 18.73
N SER A 278 11.71 -11.41 19.58
CA SER A 278 12.92 -10.68 19.25
C SER A 278 14.11 -11.64 19.29
N TRP A 279 15.31 -11.09 19.22
CA TRP A 279 16.54 -11.88 19.29
C TRP A 279 16.58 -12.90 18.15
N PHE A 280 16.60 -12.36 16.93
CA PHE A 280 16.80 -13.20 15.76
C PHE A 280 18.05 -14.05 15.91
N GLY A 281 19.11 -13.47 16.46
CA GLY A 281 20.39 -14.13 16.52
C GLY A 281 21.23 -13.69 15.34
N ASN A 282 22.20 -12.79 15.59
CA ASN A 282 22.94 -12.16 14.52
C ASN A 282 24.44 -12.40 14.58
N SER A 283 25.03 -12.34 15.78
CA SER A 283 26.47 -12.54 15.96
C SER A 283 27.27 -11.58 15.09
N SER A 284 26.81 -10.33 15.03
CA SER A 284 27.42 -9.28 14.21
C SER A 284 27.51 -9.66 12.74
FE HEC B . -13.22 13.96 -23.48
CHA HEC B . -10.95 11.76 -24.76
CHB HEC B . -14.28 14.76 -26.66
CHC HEC B . -15.44 16.21 -22.23
CHD HEC B . -12.32 13.14 -20.29
NA HEC B . -12.72 13.39 -25.33
C1A HEC B . -11.75 12.44 -25.65
C2A HEC B . -11.74 12.28 -27.09
C3A HEC B . -12.65 13.11 -27.60
C4A HEC B . -13.28 13.82 -26.52
CMA HEC B . -12.97 13.25 -29.10
CAA HEC B . -10.84 11.32 -27.88
CBA HEC B . -11.34 9.88 -27.68
CGA HEC B . -10.62 8.96 -28.63
O1A HEC B . -9.38 8.82 -28.52
O2A HEC B . -11.28 8.34 -29.53
NB HEC B . -14.62 15.25 -24.31
C1B HEC B . -14.90 15.46 -25.64
C2B HEC B . -15.91 16.49 -25.74
C3B HEC B . -16.22 16.89 -24.50
C4B HEC B . -15.41 16.10 -23.59
CMB HEC B . -16.51 17.06 -27.07
CAB HEC B . -17.23 17.97 -24.03
CBB HEC B . -18.66 17.45 -24.25
NC HEC B . -13.77 14.55 -21.64
C1C HEC B . -14.70 15.51 -21.35
C2C HEC B . -14.80 15.65 -19.91
C3C HEC B . -13.91 14.82 -19.36
C4C HEC B . -13.27 14.11 -20.44
CMC HEC B . -15.71 16.68 -19.21
CAC HEC B . -13.60 14.61 -17.87
CBC HEC B . -14.83 14.06 -17.10
ND HEC B . -11.85 12.64 -22.67
C1D HEC B . -11.64 12.50 -21.30
C2D HEC B . -10.60 11.55 -21.07
C3D HEC B . -10.14 11.08 -22.44
C4D HEC B . -10.97 11.82 -23.38
CMD HEC B . -10.04 11.09 -19.70
CAD HEC B . -8.99 10.05 -22.63
CBD HEC B . -8.87 9.42 -24.01
CGD HEC B . -8.02 8.16 -23.91
O1D HEC B . -7.37 7.96 -22.85
O2D HEC B . -8.01 7.38 -24.89
FE HEC C . -9.68 10.06 -14.97
CHA HEC C . -12.49 9.83 -13.13
CHB HEC C . -9.15 6.66 -14.62
CHC HEC C . -6.80 10.29 -16.73
CHD HEC C . -10.10 13.48 -15.29
NA HEC C . -10.61 8.54 -14.05
C1A HEC C . -11.81 8.67 -13.36
C2A HEC C . -12.21 7.35 -12.93
C3A HEC C . -11.30 6.48 -13.34
C4A HEC C . -10.28 7.20 -14.04
CMA HEC C . -11.33 4.95 -13.11
CAA HEC C . -13.50 7.02 -12.15
CBA HEC C . -14.69 7.14 -13.09
CGA HEC C . -15.96 6.87 -12.33
O1A HEC C . -17.05 6.89 -12.95
O2A HEC C . -15.88 6.65 -11.09
NB HEC C . -8.25 8.72 -15.56
C1B HEC C . -8.21 7.37 -15.34
C2B HEC C . -7.02 6.82 -15.95
C3B HEC C . -6.36 7.83 -16.52
C4B HEC C . -7.13 9.03 -16.29
CMB HEC C . -6.60 5.34 -15.90
CAB HEC C . -5.02 7.75 -17.31
CBB HEC C . -5.22 7.01 -18.65
NC HEC C . -8.66 11.59 -15.82
C1C HEC C . -7.48 11.45 -16.51
C2C HEC C . -7.08 12.74 -17.02
C3C HEC C . -7.97 13.63 -16.61
C4C HEC C . -8.98 12.93 -15.86
CMC HEC C . -5.78 12.99 -17.83
CAC HEC C . -7.97 15.15 -16.88
CBC HEC C . -8.20 15.42 -18.38
ND HEC C . -11.06 11.44 -14.32
C1D HEC C . -11.04 12.81 -14.56
C2D HEC C . -12.19 13.42 -13.92
C3D HEC C . -12.94 12.26 -13.25
C4D HEC C . -12.16 11.08 -13.55
CMD HEC C . -12.56 14.91 -13.94
CAD HEC C . -14.24 12.30 -12.41
CBD HEC C . -14.20 13.37 -11.32
CGD HEC C . -12.84 13.45 -10.70
O1D HEC C . -12.38 14.59 -10.43
O2D HEC C . -12.22 12.39 -10.46
FE HEC D . -7.96 3.07 -9.88
CHA HEC D . -11.00 4.00 -8.74
CHB HEC D . -7.35 6.34 -10.91
CHC HEC D . -4.83 2.23 -10.89
CHD HEC D . -8.48 -0.17 -8.88
NA HEC D . -8.97 4.82 -9.84
C1A HEC D . -10.24 4.97 -9.33
C2A HEC D . -10.65 6.34 -9.53
C3A HEC D . -9.65 6.99 -10.13
C4A HEC D . -8.57 6.05 -10.34
CMA HEC D . -9.66 8.48 -10.52
CAA HEC D . -12.00 6.95 -9.10
CBA HEC D . -12.05 7.11 -7.59
CGA HEC D . -13.37 7.73 -7.22
O1A HEC D . -13.55 8.07 -6.03
O2A HEC D . -14.23 7.89 -8.12
NB HEC D . -6.41 4.11 -10.71
C1B HEC D . -6.35 5.42 -11.11
C2B HEC D . -5.07 5.67 -11.74
C3B HEC D . -4.38 4.52 -11.71
C4B HEC D . -5.21 3.53 -11.08
CMB HEC D . -4.62 7.02 -12.34
CAB HEC D . -2.99 4.15 -12.27
CBB HEC D . -1.82 5.07 -11.92
NC HEC D . -6.88 1.37 -9.89
C1C HEC D . -5.59 1.25 -10.33
C2C HEC D . -5.18 -0.13 -10.24
C3C HEC D . -6.15 -0.78 -9.58
C4C HEC D . -7.26 0.14 -9.42
CMC HEC D . -3.71 -0.53 -10.55
CAC HEC D . -6.29 -2.27 -9.15
CBC HEC D . -5.00 -2.89 -8.57
ND HEC D . -9.48 2.08 -8.94
C1D HEC D . -9.51 0.71 -8.68
C2D HEC D . -10.80 0.36 -8.15
C3D HEC D . -11.60 1.67 -8.10
C4D HEC D . -10.70 2.67 -8.61
CMD HEC D . -11.27 -1.05 -7.74
CAD HEC D . -13.05 1.89 -7.63
CBD HEC D . -14.00 1.12 -8.54
CGD HEC D . -15.43 1.42 -8.14
O1D HEC D . -15.63 2.22 -7.20
O2D HEC D . -16.36 0.85 -8.77
FE HEC E . -6.17 1.85 -0.22
CHA HEC E . -2.88 2.02 -1.22
CHB HEC E . -5.17 2.02 3.05
CHC HEC E . -9.42 1.82 0.79
CHD HEC E . -7.19 1.86 -3.48
NA HEC E . -4.39 2.00 0.72
C1A HEC E . -3.14 2.02 0.13
C2A HEC E . -2.15 2.07 1.17
C3A HEC E . -2.77 2.07 2.35
C4A HEC E . -4.18 2.02 2.09
CMA HEC E . -2.08 2.10 3.74
CAA HEC E . -0.62 2.11 0.95
CBA HEC E . -0.16 0.70 0.64
CGA HEC E . 1.30 0.61 1.01
O1A HEC E . 1.93 1.69 1.13
O2A HEC E . 1.81 -0.52 1.19
NB HEC E . -7.11 1.94 1.56
C1B HEC E . -6.52 1.94 2.80
C2B HEC E . -7.54 1.83 3.80
C3B HEC E . -8.72 1.77 3.19
C4B HEC E . -8.47 1.84 1.77
CMB HEC E . -7.28 1.77 5.32
CAB HEC E . -10.12 1.63 3.84
CBB HEC E . -10.50 2.87 4.69
NC HEC E . -7.95 1.84 -1.16
C1C HEC E . -9.19 1.83 -0.55
C2C HEC E . -10.21 1.71 -1.57
C3C HEC E . -9.59 1.83 -2.76
C4C HEC E . -8.17 1.85 -2.51
CMC HEC E . -11.71 1.79 -1.18
CAC HEC E . -10.11 1.81 -4.22
CBC HEC E . -11.48 2.51 -4.43
ND HEC E . -5.19 1.93 -2.05
C1D HEC E . -5.83 1.90 -3.28
C2D HEC E . -4.84 1.94 -4.34
C3D HEC E . -3.49 1.99 -3.62
C4D HEC E . -3.81 1.99 -2.21
CMD HEC E . -5.12 1.92 -5.85
CAD HEC E . -2.07 2.03 -4.23
CBD HEC E . -1.92 3.21 -5.19
CGD HEC E . -2.75 4.37 -4.73
O1D HEC E . -2.62 4.77 -3.55
O2D HEC E . -3.53 4.90 -5.55
FE HEC F . -0.89 -1.36 8.08
CHA HEC F . 0.33 -2.77 5.24
CHB HEC F . 2.22 -1.64 9.54
CHC HEC F . -2.07 0.04 11.01
CHD HEC F . -3.95 -0.92 6.68
NA HEC F . 0.92 -2.06 7.50
C1A HEC F . 1.21 -2.63 6.28
C2A HEC F . 2.60 -3.05 6.28
C3A HEC F . 3.11 -2.73 7.47
C4A HEC F . 2.07 -2.11 8.26
CMA HEC F . 4.56 -3.01 7.92
CAA HEC F . 3.36 -3.75 5.14
CBA HEC F . 3.37 -2.90 3.86
CGA HEC F . 4.00 -1.55 4.13
O1A HEC F . 3.70 -0.60 3.36
O2A HEC F . 4.79 -1.44 5.09
NB HEC F . -0.09 -0.89 9.92
C1B HEC F . 1.22 -1.09 10.32
C2B HEC F . 1.36 -0.62 11.68
C3B HEC F . 0.17 -0.16 12.08
C4B HEC F . -0.76 -0.32 10.98
CMB HEC F . 2.67 -0.66 12.50
CAB HEC F . -0.21 0.45 13.45
CBB HEC F . 0.43 1.85 13.60
NC HEC F . -2.66 -0.58 8.72
C1C HEC F . -2.95 -0.09 9.97
C2C HEC F . -4.34 0.29 10.01
C3C HEC F . -4.87 0.03 8.80
C4C HEC F . -3.81 -0.52 7.98
CMC HEC F . -4.99 0.86 11.31
CAC HEC F . -6.31 0.18 8.26
CBC HEC F . -7.12 1.37 8.81
ND HEC F . -1.67 -1.78 6.25
C1D HEC F . -2.99 -1.52 5.89
C2D HEC F . -3.22 -1.98 4.55
C3D HEC F . -1.88 -2.56 4.07
C4D HEC F . -0.99 -2.39 5.21
CMD HEC F . -4.53 -1.90 3.74
CAD HEC F . -1.60 -3.19 2.69
CBD HEC F . -0.35 -2.64 2.03
CGD HEC F . 0.02 -3.46 0.83
O1D HEC F . 1.08 -3.20 0.21
O2D HEC F . -0.76 -4.40 0.49
FE HEC G . -0.01 8.14 12.22
CHA HEC G . 2.98 6.92 13.27
CHB HEC G . 0.61 11.09 13.91
CHC HEC G . -3.11 9.33 11.36
CHD HEC G . -0.60 5.33 10.35
NA HEC G . 1.49 8.86 13.37
C1A HEC G . 2.65 8.19 13.68
C2A HEC G . 3.46 9.05 14.53
C3A HEC G . 2.80 10.19 14.70
C4A HEC G . 1.56 10.10 13.97
CMA HEC G . 3.29 11.40 15.52
CAA HEC G . 4.84 8.69 15.11
CBA HEC G . 4.66 8.17 16.54
CGA HEC G . 5.99 7.76 17.09
O1A HEC G . 6.05 7.34 18.28
O2A HEC G . 7.01 7.84 16.35
NB HEC G . -1.05 9.88 12.56
C1B HEC G . -0.63 10.96 13.31
C2B HEC G . -1.70 11.93 13.36
C3B HEC G . -2.73 11.45 12.66
C4B HEC G . -2.33 10.15 12.13
CMB HEC G . -1.64 13.28 14.12
CAB HEC G . -4.11 12.14 12.45
CBB HEC G . -3.97 13.34 11.50
NC HEC G . -1.54 7.46 11.07
C1C HEC G . -2.74 8.10 10.88
C2C HEC G . -3.55 7.30 9.98
C3C HEC G . -2.89 6.16 9.77
C4C HEC G . -1.60 6.26 10.40
CMC HEC G . -5.02 7.65 9.65
CAC HEC G . -3.38 4.94 8.94
CBC HEC G . -3.67 5.30 7.47
ND HEC G . 1.03 6.40 11.86
C1D HEC G . 0.59 5.36 11.04
C2D HEC G . 1.59 4.30 11.04
C3D HEC G . 2.71 4.81 11.95
C4D HEC G . 2.28 6.11 12.43
CMD HEC G . 1.56 2.97 10.29
CAD HEC G . 4.00 4.05 12.30
CBD HEC G . 5.25 4.80 11.81
CGD HEC G . 6.46 4.09 12.33
O1D HEC G . 6.31 3.05 13.01
O2D HEC G . 7.59 4.56 12.06
FE HEC H . 4.69 -8.15 6.38
CHA HEC H . 3.73 -8.88 3.18
CHB HEC H . 1.71 -6.54 6.90
CHC HEC H . 5.58 -7.48 9.64
CHD HEC H . 7.66 -9.79 5.91
NA HEC H . 3.04 -7.79 5.27
C1A HEC H . 2.87 -8.16 3.96
C2A HEC H . 1.60 -7.65 3.50
C3A HEC H . 1.03 -7.00 4.52
C4A HEC H . 1.93 -7.07 5.65
CMA HEC H . -0.33 -6.29 4.49
CAA HEC H . 1.03 -7.82 2.08
CBA HEC H . 1.41 -6.57 1.29
CGA HEC H . 2.04 -6.91 -0.03
O1A HEC H . 2.36 -5.97 -0.80
O2A HEC H . 2.22 -8.12 -0.34
NB HEC H . 3.82 -7.20 7.97
C1B HEC H . 2.58 -6.59 7.96
C2B HEC H . 2.35 -6.02 9.27
C3B HEC H . 3.41 -6.26 10.03
C4B HEC H . 4.35 -7.02 9.23
CMB HEC H . 1.07 -5.24 9.67
CAB HEC H . 3.60 -5.85 11.51
CBB HEC H . 2.66 -6.73 12.36
NC HEC H . 6.28 -8.56 7.54
C1C HEC H . 6.47 -8.19 8.85
C2C HEC H . 7.75 -8.69 9.30
C3C HEC H . 8.32 -9.31 8.26
C4C HEC H . 7.42 -9.24 7.14
CMC HEC H . 8.33 -8.47 10.71
CAC HEC H . 9.71 -10.00 8.21
CBC HEC H . 9.76 -11.24 9.11
ND HEC H . 5.56 -9.17 4.79
C1D HEC H . 6.81 -9.78 4.84
C2D HEC H . 7.09 -10.39 3.57
C3D HEC H . 5.87 -10.10 2.69
C4D HEC H . 4.97 -9.35 3.54
CMD HEC H . 8.37 -11.17 3.16
CAD HEC H . 5.66 -10.56 1.23
CBD HEC H . 5.28 -9.40 0.32
CGD HEC H . 4.73 -9.96 -0.97
O1D HEC H . 4.64 -11.20 -1.10
O2D HEC H . 4.38 -9.15 -1.86
FE HEC I . 1.35 -14.31 15.37
CHA HEC I . -1.05 -13.60 17.76
CHB HEC I . 1.22 -17.61 16.29
CHC HEC I . 3.85 -15.06 13.18
CHD HEC I . 1.53 -11.04 14.49
NA HEC I . 0.30 -15.38 16.76
C1A HEC I . -0.65 -14.91 17.63
C2A HEC I . -1.16 -16.02 18.40
C3A HEC I . -0.54 -17.12 18.00
C4A HEC I . 0.39 -16.74 16.96
CMA HEC I . -0.76 -18.55 18.54
CAA HEC I . -2.25 -15.93 19.51
CBA HEC I . -3.59 -16.32 18.90
CGA HEC I . -4.70 -15.92 19.82
O1A HEC I . -4.40 -15.41 20.94
O2A HEC I . -5.89 -16.10 19.46
NB HEC I . 2.33 -15.99 14.85
C1B HEC I . 2.13 -17.26 15.34
C2B HEC I . 3.05 -18.17 14.70
C3B HEC I . 3.77 -17.46 13.82
C4B HEC I . 3.34 -16.09 13.92
CMB HEC I . 3.09 -19.67 15.04
CAB HEC I . 4.92 -17.88 12.88
CBB HEC I . 4.64 -19.15 12.06
NC HEC I . 2.46 -13.27 14.10
C1C HEC I . 3.45 -13.76 13.26
C2C HEC I . 3.92 -12.68 12.44
C3C HEC I . 3.33 -11.57 12.85
C4C HEC I . 2.37 -11.92 13.87
CMC HEC I . 5.10 -12.83 11.44
CAC HEC I . 3.55 -10.14 12.32
CBC HEC I . 3.22 -9.99 10.82
ND HEC I . 0.40 -12.61 16.02
C1D HEC I . 0.63 -11.35 15.48
C2D HEC I . -0.22 -10.38 16.14
C3D HEC I . -1.02 -11.19 17.16
C4D HEC I . -0.57 -12.55 17.01
CMD HEC I . -0.28 -8.87 15.86
CAD HEC I . -2.08 -10.69 18.17
CBD HEC I . -1.36 -9.88 19.23
CGD HEC I . -2.22 -9.68 20.44
O1D HEC I . -1.90 -8.79 21.27
O2D HEC I . -3.23 -10.40 20.58
#